data_6PE6
#
_entry.id   6PE6
#
_cell.length_a   97.800
_cell.length_b   97.800
_cell.length_c   69.284
_cell.angle_alpha   90.000
_cell.angle_beta   90.000
_cell.angle_gamma   120.000
#
_symmetry.space_group_name_H-M   'P 31 2 1'
#
loop_
_entity.id
_entity.type
_entity.pdbx_description
1 polymer 'Pantothenate kinase 3'
2 non-polymer 6-{4-[(4-cyclopropylphenyl)acetyl]piperazin-1-yl}pyridazine-3-carbonitrile
3 non-polymer 'PHOSPHOAMINOPHOSPHONIC ACID-ADENYLATE ESTER'
4 non-polymer 'MAGNESIUM ION'
5 water water
#
_entity_poly.entity_id   1
_entity_poly.type   'polypeptide(L)'
_entity_poly.pdbx_seq_one_letter_code
;MGSSHHHHHHSSGLVPRGSPWFGMDIGGTLVKLSYFEPIDITAEEEQEEVESLKSIRKYLTSNVAYGSTGIRDVHLELKD
LTLFGRRGNLHFIRFPTQDLPTFIQMGRDKNFSTLQTVLCATGGGAYKFEKDFRTIGNLHLHKLDELDCLVKGLLYIDSV
SFNGQAECYYFANASEPERCQKMPFNLDDPYPLLVVNIGSGVSILAVHSKDNYKRVTGTSLGGGTFLGLCSLLTGCESFE
EALEMASKGDSTQADKLVRDIYGGDYERFGLPGWAVASSFGNMIYKEKRESVSKEDLARATLVTITNNIGSVARMCAVNE
KINRVVFVGNFLRVNTLSMKLLAYALDYWSKGQLKALFLEHEGYFGAVGALLGLPNFSDD
;
_entity_poly.pdbx_strand_id   A
#
# COMPACT_ATOMS: atom_id res chain seq x y z
N SER A 19 3.15 -25.39 14.14
CA SER A 19 2.99 -24.67 12.89
C SER A 19 3.69 -23.31 12.95
N PRO A 20 4.28 -22.89 11.83
CA PRO A 20 4.76 -21.51 11.74
C PRO A 20 3.58 -20.55 11.83
N TRP A 21 3.87 -19.34 12.31
CA TRP A 21 2.86 -18.30 12.45
C TRP A 21 2.97 -17.36 11.25
N PHE A 22 2.00 -17.47 10.33
CA PHE A 22 1.86 -16.66 9.13
C PHE A 22 0.54 -15.90 9.18
N GLY A 23 0.53 -14.73 8.54
CA GLY A 23 -0.72 -14.15 8.07
C GLY A 23 -0.57 -13.80 6.60
N MET A 24 -1.61 -13.98 5.79
CA MET A 24 -1.51 -13.77 4.35
C MET A 24 -2.62 -12.84 3.89
N ASP A 25 -2.28 -11.90 3.03
CA ASP A 25 -3.25 -11.03 2.36
C ASP A 25 -3.09 -11.27 0.86
N ILE A 26 -4.04 -11.97 0.25
CA ILE A 26 -3.97 -12.28 -1.18
C ILE A 26 -4.78 -11.22 -1.93
N GLY A 27 -4.09 -10.23 -2.49
CA GLY A 27 -4.75 -9.18 -3.23
C GLY A 27 -4.92 -9.54 -4.69
N GLY A 28 -5.54 -8.61 -5.43
CA GLY A 28 -5.68 -8.78 -6.87
C GLY A 28 -4.36 -8.81 -7.61
N THR A 29 -3.32 -8.19 -7.03
CA THR A 29 -2.03 -8.07 -7.71
C THR A 29 -0.90 -8.71 -6.92
N LEU A 30 -0.79 -8.42 -5.62
CA LEU A 30 0.28 -8.94 -4.79
C LEU A 30 -0.26 -9.76 -3.63
N VAL A 31 0.49 -10.81 -3.28
CA VAL A 31 0.31 -11.54 -2.04
C VAL A 31 1.29 -10.95 -1.05
N LYS A 32 0.79 -10.61 0.15
CA LYS A 32 1.62 -10.12 1.23
C LYS A 32 1.58 -11.14 2.36
N LEU A 33 2.73 -11.46 2.91
CA LEU A 33 2.86 -12.47 3.94
C LEU A 33 3.61 -11.87 5.12
N SER A 34 3.05 -12.00 6.32
CA SER A 34 3.76 -11.66 7.54
C SER A 34 4.14 -12.97 8.23
N TYR A 35 5.41 -13.10 8.59
CA TYR A 35 5.94 -14.31 9.21
C TYR A 35 6.61 -13.96 10.53
N PHE A 36 6.19 -14.63 11.61
CA PHE A 36 6.80 -14.42 12.92
C PHE A 36 7.85 -15.50 13.16
N GLU A 37 9.12 -15.07 13.22
CA GLU A 37 10.25 -15.96 13.47
C GLU A 37 10.55 -15.98 14.96
N PRO A 38 10.29 -17.08 15.68
CA PRO A 38 10.64 -17.11 17.11
C PRO A 38 12.14 -17.05 17.30
N ILE A 39 12.57 -16.29 18.30
CA ILE A 39 13.98 -16.16 18.63
C ILE A 39 14.29 -16.59 20.06
N ASP A 40 13.29 -17.12 20.76
CA ASP A 40 13.46 -17.62 22.12
C ASP A 40 13.32 -19.14 22.18
N ILE A 41 13.76 -19.83 21.14
CA ILE A 41 13.64 -21.28 21.07
C ILE A 41 14.58 -21.90 22.10
N THR A 42 14.04 -22.71 23.00
CA THR A 42 14.86 -23.38 24.00
C THR A 42 15.55 -24.59 23.39
N ALA A 43 16.47 -25.17 24.16
CA ALA A 43 17.16 -26.38 23.71
C ALA A 43 16.19 -27.52 23.46
N GLU A 44 15.21 -27.70 24.37
CA GLU A 44 14.22 -28.76 24.18
C GLU A 44 13.33 -28.48 22.98
N GLU A 45 12.91 -27.22 22.79
CA GLU A 45 12.03 -26.90 21.67
C GLU A 45 12.71 -27.20 20.34
N GLU A 46 14.01 -26.93 20.26
CA GLU A 46 14.78 -27.19 19.05
C GLU A 46 14.79 -28.68 18.70
N GLN A 47 14.95 -29.54 19.71
CA GLN A 47 14.92 -30.98 19.48
C GLN A 47 13.60 -31.39 18.84
N GLU A 48 12.48 -30.94 19.41
CA GLU A 48 11.16 -31.32 18.89
C GLU A 48 10.83 -30.64 17.57
N GLU A 49 11.73 -29.83 17.04
CA GLU A 49 11.51 -29.15 15.78
C GLU A 49 11.60 -30.17 14.64
N VAL A 50 10.46 -30.41 14.00
CA VAL A 50 10.35 -31.31 12.86
C VAL A 50 11.10 -30.72 11.66
N GLU A 51 11.73 -31.59 10.85
CA GLU A 51 12.73 -31.12 9.89
C GLU A 51 12.13 -30.23 8.82
N SER A 52 10.90 -30.51 8.38
CA SER A 52 10.25 -29.63 7.42
C SER A 52 10.13 -28.22 7.99
N LEU A 53 9.87 -28.10 9.29
CA LEU A 53 9.68 -26.79 9.92
C LEU A 53 11.01 -26.04 10.02
N LYS A 54 12.07 -26.73 10.45
CA LYS A 54 13.39 -26.11 10.46
C LYS A 54 13.79 -25.67 9.06
N SER A 55 13.40 -26.44 8.05
CA SER A 55 13.73 -26.09 6.67
C SER A 55 12.99 -24.83 6.23
N ILE A 56 11.74 -24.66 6.64
CA ILE A 56 10.99 -23.45 6.30
C ILE A 56 11.64 -22.24 6.96
N ARG A 57 11.92 -22.34 8.26
CA ARG A 57 12.49 -21.21 8.98
C ARG A 57 13.85 -20.82 8.41
N LYS A 58 14.68 -21.81 8.10
CA LYS A 58 15.98 -21.55 7.48
C LYS A 58 15.81 -20.96 6.09
N TYR A 59 14.91 -21.53 5.28
CA TYR A 59 14.65 -21.00 3.94
C TYR A 59 14.27 -19.53 4.00
N LEU A 60 13.34 -19.18 4.89
CA LEU A 60 12.81 -17.83 4.94
C LEU A 60 13.83 -16.83 5.51
N THR A 61 14.60 -17.23 6.52
CA THR A 61 15.50 -16.29 7.18
C THR A 61 16.89 -16.19 6.54
N SER A 62 17.28 -17.13 5.68
CA SER A 62 18.58 -17.07 5.04
C SER A 62 18.52 -16.60 3.59
N ASN A 63 17.33 -16.33 3.08
CA ASN A 63 17.17 -15.80 1.72
C ASN A 63 16.36 -14.51 1.80
N VAL A 64 16.68 -13.56 0.92
CA VAL A 64 15.88 -12.36 0.76
C VAL A 64 15.11 -12.35 -0.54
N ALA A 65 15.52 -13.14 -1.53
CA ALA A 65 14.73 -13.41 -2.72
C ALA A 65 14.30 -14.85 -2.68
N TYR A 66 13.03 -15.10 -3.03
CA TYR A 66 12.48 -16.45 -3.02
C TYR A 66 12.02 -16.80 -4.43
N GLY A 67 12.63 -17.84 -5.01
CA GLY A 67 12.34 -18.06 -6.41
C GLY A 67 12.71 -16.86 -7.24
N SER A 68 11.94 -16.64 -8.31
CA SER A 68 12.22 -15.53 -9.19
C SER A 68 11.41 -14.28 -8.89
N THR A 69 10.35 -14.39 -8.10
CA THR A 69 9.47 -13.25 -7.90
C THR A 69 9.13 -12.94 -6.45
N GLY A 70 9.59 -13.74 -5.49
CA GLY A 70 9.33 -13.44 -4.08
C GLY A 70 10.45 -12.60 -3.47
N ILE A 71 10.07 -11.68 -2.60
CA ILE A 71 11.00 -10.71 -1.99
C ILE A 71 10.67 -10.55 -0.51
N ARG A 72 11.70 -10.60 0.33
CA ARG A 72 11.57 -10.21 1.73
C ARG A 72 12.02 -8.77 1.89
N ASP A 73 11.14 -7.95 2.45
CA ASP A 73 11.45 -6.52 2.66
C ASP A 73 12.16 -6.41 4.01
N VAL A 74 13.49 -6.64 3.96
CA VAL A 74 14.27 -6.75 5.20
C VAL A 74 14.22 -5.46 6.02
N HIS A 75 14.17 -4.30 5.34
CA HIS A 75 14.19 -3.04 6.05
C HIS A 75 12.97 -2.86 6.93
N LEU A 76 11.88 -3.59 6.68
CA LEU A 76 10.67 -3.46 7.47
C LEU A 76 10.60 -4.39 8.67
N GLU A 77 11.56 -5.31 8.82
CA GLU A 77 11.51 -6.30 9.89
C GLU A 77 11.36 -5.63 11.25
N LEU A 78 10.41 -6.14 12.05
CA LEU A 78 10.31 -5.75 13.45
C LEU A 78 11.11 -6.75 14.26
N LYS A 79 12.11 -6.26 14.98
CA LYS A 79 13.01 -7.13 15.73
C LYS A 79 12.62 -7.21 17.19
N ASP A 80 12.68 -8.43 17.73
CA ASP A 80 12.44 -8.70 19.15
C ASP A 80 11.07 -8.19 19.59
N LEU A 81 10.07 -8.56 18.81
CA LEU A 81 8.68 -8.28 19.12
C LEU A 81 8.14 -9.39 20.02
N THR A 82 7.34 -9.01 21.01
CA THR A 82 6.62 -10.00 21.80
C THR A 82 5.24 -10.17 21.20
N LEU A 83 4.93 -11.39 20.77
CA LEU A 83 3.67 -11.71 20.13
C LEU A 83 3.22 -13.06 20.64
N PHE A 84 1.98 -13.13 21.12
CA PHE A 84 1.39 -14.37 21.63
C PHE A 84 2.24 -14.98 22.74
N GLY A 85 2.90 -14.14 23.55
CA GLY A 85 3.70 -14.63 24.66
C GLY A 85 5.08 -15.14 24.30
N ARG A 86 5.52 -14.96 23.05
CA ARG A 86 6.84 -15.37 22.62
C ARG A 86 7.55 -14.16 22.03
N ARG A 87 8.88 -14.20 22.04
CA ARG A 87 9.66 -13.16 21.41
C ARG A 87 10.13 -13.64 20.04
N GLY A 88 10.10 -12.75 19.06
CA GLY A 88 10.56 -13.13 17.75
C GLY A 88 10.72 -11.92 16.87
N ASN A 89 11.03 -12.20 15.61
CA ASN A 89 11.15 -11.17 14.59
C ASN A 89 9.97 -11.31 13.64
N LEU A 90 9.36 -10.16 13.29
CA LEU A 90 8.25 -10.14 12.34
C LEU A 90 8.78 -9.76 10.96
N HIS A 91 8.60 -10.66 9.99
CA HIS A 91 9.12 -10.49 8.64
C HIS A 91 7.99 -10.17 7.67
N PHE A 92 8.34 -9.45 6.61
CA PHE A 92 7.37 -8.97 5.63
C PHE A 92 7.81 -9.43 4.24
N ILE A 93 6.98 -10.22 3.58
CA ILE A 93 7.33 -10.89 2.33
C ILE A 93 6.22 -10.63 1.32
N ARG A 94 6.59 -10.45 0.04
CA ARG A 94 5.59 -10.24 -1.00
C ARG A 94 5.97 -10.99 -2.28
N PHE A 95 4.95 -11.37 -3.04
CA PHE A 95 5.14 -11.97 -4.36
C PHE A 95 3.88 -11.77 -5.17
N PRO A 96 3.94 -11.88 -6.49
CA PRO A 96 2.76 -11.61 -7.30
C PRO A 96 1.70 -12.69 -7.11
N THR A 97 0.44 -12.25 -7.07
CA THR A 97 -0.66 -13.20 -6.98
C THR A 97 -0.66 -14.20 -8.13
N GLN A 98 -0.18 -13.77 -9.32
CA GLN A 98 -0.03 -14.66 -10.45
C GLN A 98 0.84 -15.87 -10.13
N ASP A 99 1.72 -15.77 -9.14
CA ASP A 99 2.61 -16.86 -8.77
C ASP A 99 2.12 -17.64 -7.56
N LEU A 100 0.92 -17.38 -7.09
CA LEU A 100 0.37 -18.20 -6.01
C LEU A 100 0.39 -19.69 -6.33
N PRO A 101 0.14 -20.15 -7.57
CA PRO A 101 0.29 -21.60 -7.82
C PRO A 101 1.66 -22.15 -7.46
N THR A 102 2.74 -21.43 -7.77
CA THR A 102 4.07 -21.85 -7.32
C THR A 102 4.12 -21.97 -5.80
N PHE A 103 3.63 -20.94 -5.10
CA PHE A 103 3.62 -20.97 -3.63
C PHE A 103 2.88 -22.19 -3.11
N ILE A 104 1.68 -22.44 -3.63
CA ILE A 104 0.89 -23.58 -3.16
C ILE A 104 1.59 -24.89 -3.52
N GLN A 105 2.25 -24.95 -4.68
CA GLN A 105 2.99 -26.14 -5.06
C GLN A 105 4.18 -26.38 -4.13
N MET A 106 4.91 -25.33 -3.77
CA MET A 106 5.92 -25.45 -2.72
C MET A 106 5.33 -26.02 -1.44
N GLY A 107 4.15 -25.52 -1.04
CA GLY A 107 3.53 -26.00 0.18
C GLY A 107 3.17 -27.48 0.14
N ARG A 108 2.79 -27.98 -1.03
CA ARG A 108 2.42 -29.39 -1.12
C ARG A 108 3.62 -30.33 -1.18
N ASP A 109 4.83 -29.80 -1.34
CA ASP A 109 6.02 -30.64 -1.35
C ASP A 109 6.53 -30.89 0.06
N THR A 117 -1.78 -27.41 10.29
CA THR A 117 -1.28 -26.04 10.21
C THR A 117 -2.41 -25.10 9.76
N VAL A 118 -2.41 -23.90 10.32
CA VAL A 118 -3.56 -23.00 10.28
C VAL A 118 -3.15 -21.75 9.52
N LEU A 119 -3.89 -21.43 8.46
CA LEU A 119 -3.55 -20.27 7.65
C LEU A 119 -4.68 -19.25 7.79
N CYS A 120 -4.37 -18.12 8.42
CA CYS A 120 -5.29 -17.00 8.48
C CYS A 120 -5.01 -16.13 7.26
N ALA A 121 -6.03 -15.96 6.41
CA ALA A 121 -5.88 -15.36 5.09
C ALA A 121 -6.97 -14.31 4.89
N THR A 122 -6.59 -13.22 4.24
CA THR A 122 -7.53 -12.17 3.93
C THR A 122 -7.27 -11.75 2.50
N GLY A 123 -7.95 -10.68 2.07
CA GLY A 123 -7.93 -10.27 0.68
C GLY A 123 -8.92 -11.08 -0.14
N GLY A 124 -9.22 -10.58 -1.34
CA GLY A 124 -10.14 -11.29 -2.22
C GLY A 124 -9.68 -12.70 -2.53
N GLY A 125 -8.38 -12.91 -2.60
CA GLY A 125 -7.85 -14.21 -2.92
C GLY A 125 -8.07 -15.26 -1.85
N ALA A 126 -8.32 -14.87 -0.60
CA ALA A 126 -8.67 -15.87 0.41
C ALA A 126 -9.95 -16.59 0.01
N TYR A 127 -10.87 -15.89 -0.66
CA TYR A 127 -12.07 -16.51 -1.20
C TYR A 127 -11.80 -17.14 -2.55
N LYS A 128 -11.20 -16.40 -3.49
CA LYS A 128 -11.03 -16.92 -4.84
C LYS A 128 -10.22 -18.22 -4.86
N PHE A 129 -9.20 -18.32 -4.00
CA PHE A 129 -8.28 -19.46 -4.03
C PHE A 129 -8.48 -20.40 -2.86
N GLU A 130 -9.62 -20.31 -2.18
CA GLU A 130 -9.87 -21.15 -1.02
C GLU A 130 -9.68 -22.63 -1.37
N LYS A 131 -10.26 -23.06 -2.49
CA LYS A 131 -10.16 -24.47 -2.87
C LYS A 131 -8.72 -24.87 -3.16
N ASP A 132 -7.92 -23.93 -3.66
CA ASP A 132 -6.52 -24.23 -3.96
C ASP A 132 -5.71 -24.42 -2.67
N PHE A 133 -5.96 -23.59 -1.66
CA PHE A 133 -5.25 -23.79 -0.39
C PHE A 133 -5.63 -25.11 0.24
N ARG A 134 -6.86 -25.57 0.03
CA ARG A 134 -7.26 -26.83 0.63
C ARG A 134 -6.65 -28.04 -0.08
N THR A 135 -5.92 -27.85 -1.17
CA THR A 135 -5.16 -28.98 -1.70
C THR A 135 -3.96 -29.32 -0.84
N ILE A 136 -3.62 -28.48 0.13
CA ILE A 136 -2.60 -28.83 1.11
C ILE A 136 -3.28 -29.65 2.20
N GLY A 137 -2.84 -30.89 2.38
CA GLY A 137 -3.57 -31.80 3.23
C GLY A 137 -3.68 -31.28 4.65
N ASN A 138 -4.86 -31.43 5.23
CA ASN A 138 -5.17 -31.08 6.62
C ASN A 138 -4.98 -29.60 6.92
N LEU A 139 -4.74 -28.76 5.91
CA LEU A 139 -4.62 -27.33 6.13
C LEU A 139 -5.98 -26.77 6.52
N HIS A 140 -5.98 -25.90 7.52
CA HIS A 140 -7.18 -25.19 7.95
C HIS A 140 -7.06 -23.75 7.47
N LEU A 141 -7.93 -23.36 6.54
CA LEU A 141 -7.95 -21.99 6.03
C LEU A 141 -9.04 -21.21 6.74
N HIS A 142 -8.66 -20.09 7.33
CA HIS A 142 -9.61 -19.21 8.00
C HIS A 142 -9.63 -17.89 7.26
N LYS A 143 -10.72 -17.62 6.55
CA LYS A 143 -10.86 -16.39 5.78
C LYS A 143 -11.29 -15.24 6.69
N LEU A 144 -10.53 -14.14 6.65
CA LEU A 144 -10.81 -12.96 7.45
C LEU A 144 -11.02 -11.77 6.51
N ASP A 145 -11.82 -10.78 6.92
CA ASP A 145 -12.22 -9.72 6.00
C ASP A 145 -11.08 -8.74 5.76
N GLU A 146 -10.96 -8.29 4.50
CA GLU A 146 -9.75 -7.59 4.08
C GLU A 146 -9.63 -6.20 4.69
N LEU A 147 -10.76 -5.59 5.05
CA LEU A 147 -10.67 -4.28 5.67
C LEU A 147 -10.62 -4.37 7.20
N ASP A 148 -11.28 -5.35 7.81
N ASP A 148 -11.23 -5.38 7.81
CA ASP A 148 -11.07 -5.63 9.24
CA ASP A 148 -11.07 -5.60 9.24
C ASP A 148 -9.59 -5.89 9.55
C ASP A 148 -9.63 -5.97 9.61
N CYS A 149 -8.96 -6.75 8.75
CA CYS A 149 -7.55 -7.06 8.98
C CYS A 149 -6.69 -5.82 8.84
N LEU A 150 -7.01 -4.98 7.86
CA LEU A 150 -6.28 -3.74 7.64
C LEU A 150 -6.30 -2.87 8.90
N VAL A 151 -7.49 -2.63 9.45
CA VAL A 151 -7.60 -1.74 10.60
C VAL A 151 -6.83 -2.32 11.79
N LYS A 152 -7.00 -3.62 12.05
CA LYS A 152 -6.31 -4.26 13.17
C LYS A 152 -4.80 -4.22 12.99
N GLY A 153 -4.32 -4.51 11.78
CA GLY A 153 -2.88 -4.51 11.54
C GLY A 153 -2.28 -3.12 11.65
N LEU A 154 -2.98 -2.12 11.11
CA LEU A 154 -2.48 -0.75 11.18
C LEU A 154 -2.36 -0.29 12.63
N LEU A 155 -3.41 -0.54 13.42
CA LEU A 155 -3.39 -0.13 14.83
C LEU A 155 -2.32 -0.88 15.60
N TYR A 156 -2.12 -2.16 15.28
CA TYR A 156 -1.13 -2.96 15.99
C TYR A 156 0.27 -2.45 15.72
N ILE A 157 0.63 -2.28 14.44
CA ILE A 157 1.99 -1.88 14.10
C ILE A 157 2.30 -0.50 14.67
N ASP A 158 1.34 0.43 14.58
CA ASP A 158 1.63 1.74 15.17
C ASP A 158 1.85 1.62 16.67
N SER A 159 1.10 0.74 17.34
CA SER A 159 1.19 0.60 18.79
C SER A 159 2.54 0.03 19.22
N VAL A 160 3.08 -0.93 18.47
CA VAL A 160 4.36 -1.52 18.88
C VAL A 160 5.55 -0.72 18.39
N SER A 161 5.33 0.27 17.52
CA SER A 161 6.36 1.11 16.91
C SER A 161 7.20 0.34 15.90
N PHE A 162 7.97 1.09 15.13
CA PHE A 162 8.87 0.56 14.12
C PHE A 162 10.27 0.53 14.72
N ASN A 163 10.51 -0.50 15.53
CA ASN A 163 11.78 -0.66 16.25
C ASN A 163 12.16 0.62 17.00
N GLY A 164 11.17 1.19 17.70
CA GLY A 164 11.36 2.38 18.51
C GLY A 164 11.14 3.68 17.77
N GLN A 165 11.05 3.64 16.45
CA GLN A 165 10.75 4.83 15.65
C GLN A 165 9.27 4.88 15.30
N ALA A 166 8.84 6.05 14.85
CA ALA A 166 7.44 6.24 14.48
C ALA A 166 7.10 5.41 13.26
N GLU A 167 5.95 4.73 13.34
CA GLU A 167 5.41 4.06 12.17
C GLU A 167 4.78 5.06 11.20
N CYS A 168 4.25 6.17 11.71
CA CYS A 168 3.49 7.11 10.90
C CYS A 168 4.29 8.38 10.67
N TYR A 169 4.18 8.93 9.46
CA TYR A 169 4.94 10.14 9.11
C TYR A 169 4.14 11.01 8.16
N TYR A 170 4.56 12.26 8.05
CA TYR A 170 3.94 13.20 7.14
C TYR A 170 5.07 13.98 6.49
N PHE A 171 4.72 14.80 5.49
CA PHE A 171 5.72 15.63 4.84
C PHE A 171 5.52 17.06 5.35
N ALA A 172 6.48 17.53 6.13
CA ALA A 172 6.43 18.89 6.64
C ALA A 172 6.67 19.86 5.50
N ASN A 173 5.91 20.95 5.50
CA ASN A 173 6.07 22.03 4.52
C ASN A 173 6.05 21.48 3.10
N ALA A 174 5.01 20.68 2.82
CA ALA A 174 4.95 19.95 1.55
C ALA A 174 4.83 20.88 0.35
N SER A 175 4.46 22.14 0.55
CA SER A 175 4.32 23.07 -0.55
C SER A 175 5.63 23.70 -0.98
N GLU A 176 6.66 23.66 -0.14
CA GLU A 176 7.93 24.31 -0.44
C GLU A 176 9.02 23.26 -0.62
N PRO A 177 9.50 23.02 -1.84
CA PRO A 177 10.42 21.89 -2.06
C PRO A 177 11.74 22.04 -1.30
N GLU A 178 12.21 23.27 -1.08
CA GLU A 178 13.45 23.46 -0.33
C GLU A 178 13.30 23.10 1.13
N ARG A 179 12.06 23.04 1.64
CA ARG A 179 11.81 22.71 3.03
C ARG A 179 11.20 21.34 3.23
N CYS A 180 10.58 20.77 2.20
CA CYS A 180 9.72 19.61 2.37
C CYS A 180 10.51 18.42 2.90
N GLN A 181 10.06 17.86 4.03
CA GLN A 181 10.80 16.73 4.59
C GLN A 181 9.89 15.83 5.39
N LYS A 182 10.25 14.55 5.37
CA LYS A 182 9.59 13.52 6.17
C LYS A 182 9.76 13.77 7.67
N MET A 183 8.65 13.72 8.42
CA MET A 183 8.64 13.94 9.87
C MET A 183 7.65 13.01 10.56
N PRO A 184 7.94 12.56 11.78
CA PRO A 184 7.04 11.62 12.46
C PRO A 184 5.74 12.27 12.92
N PHE A 185 4.68 11.46 13.00
CA PHE A 185 3.36 11.89 13.42
C PHE A 185 2.85 10.90 14.46
N ASN A 186 2.35 11.41 15.58
CA ASN A 186 1.87 10.57 16.67
C ASN A 186 0.42 10.17 16.42
N LEU A 187 0.14 8.87 16.53
CA LEU A 187 -1.21 8.32 16.41
C LEU A 187 -1.66 7.62 17.69
N ASP A 188 -1.20 8.09 18.85
CA ASP A 188 -1.53 7.40 20.10
C ASP A 188 -3.03 7.44 20.40
N ASP A 189 -3.72 8.51 19.97
CA ASP A 189 -5.17 8.52 19.88
C ASP A 189 -5.51 8.62 18.39
N PRO A 190 -5.68 7.49 17.71
CA PRO A 190 -5.79 7.52 16.24
C PRO A 190 -7.17 7.84 15.72
N TYR A 191 -8.15 8.14 16.56
CA TYR A 191 -9.49 8.29 16.02
C TYR A 191 -9.96 9.73 16.07
N PRO A 192 -10.72 10.18 15.05
CA PRO A 192 -11.06 9.35 13.89
C PRO A 192 -9.98 9.43 12.82
N LEU A 193 -10.04 8.51 11.86
CA LEU A 193 -9.00 8.41 10.84
C LEU A 193 -9.67 8.00 9.55
N LEU A 194 -9.32 8.68 8.45
CA LEU A 194 -9.70 8.23 7.10
C LEU A 194 -8.53 7.44 6.54
N VAL A 195 -8.79 6.19 6.16
CA VAL A 195 -7.74 5.31 5.63
C VAL A 195 -8.01 5.11 4.16
N VAL A 196 -7.05 5.48 3.32
CA VAL A 196 -7.17 5.36 1.87
C VAL A 196 -6.24 4.24 1.42
N ASN A 197 -6.83 3.12 1.03
CA ASN A 197 -6.08 1.92 0.70
C ASN A 197 -5.94 1.87 -0.82
N ILE A 198 -4.75 2.19 -1.31
CA ILE A 198 -4.48 2.25 -2.75
C ILE A 198 -3.79 0.94 -3.15
N GLY A 199 -4.59 -0.01 -3.62
CA GLY A 199 -4.08 -1.26 -4.17
C GLY A 199 -4.32 -1.27 -5.66
N SER A 200 -4.89 -2.36 -6.19
CA SER A 200 -5.32 -2.39 -7.59
C SER A 200 -6.31 -1.26 -7.85
N GLY A 201 -7.30 -1.12 -6.97
CA GLY A 201 -8.22 -0.01 -6.96
C GLY A 201 -8.01 0.80 -5.69
N VAL A 202 -9.05 1.44 -5.18
CA VAL A 202 -8.92 2.23 -3.96
C VAL A 202 -10.14 1.98 -3.08
N SER A 203 -9.92 1.61 -1.81
CA SER A 203 -10.98 1.59 -0.81
C SER A 203 -10.75 2.72 0.19
N ILE A 204 -11.83 3.38 0.58
CA ILE A 204 -11.74 4.47 1.55
C ILE A 204 -12.53 4.08 2.78
N LEU A 205 -11.86 4.10 3.95
CA LEU A 205 -12.43 3.65 5.20
C LEU A 205 -12.50 4.82 6.16
N ALA A 206 -13.56 4.87 6.96
CA ALA A 206 -13.65 5.83 8.05
C ALA A 206 -13.56 5.04 9.35
N VAL A 207 -12.56 5.33 10.17
CA VAL A 207 -12.28 4.56 11.38
C VAL A 207 -12.60 5.45 12.56
N HIS A 208 -13.66 5.12 13.29
CA HIS A 208 -14.09 5.92 14.44
C HIS A 208 -13.60 5.38 15.77
N SER A 209 -13.41 4.08 15.88
CA SER A 209 -12.82 3.45 17.06
C SER A 209 -12.17 2.15 16.62
N LYS A 210 -11.60 1.42 17.59
CA LYS A 210 -10.97 0.14 17.27
C LYS A 210 -11.97 -0.90 16.79
N ASP A 211 -13.27 -0.70 17.07
CA ASP A 211 -14.30 -1.66 16.65
C ASP A 211 -15.41 -1.00 15.84
N ASN A 212 -15.26 0.27 15.44
CA ASN A 212 -16.28 1.00 14.71
C ASN A 212 -15.64 1.66 13.50
N TYR A 213 -15.78 1.02 12.35
CA TYR A 213 -15.20 1.52 11.11
C TYR A 213 -16.07 1.04 9.97
N LYS A 214 -16.05 1.78 8.87
CA LYS A 214 -16.88 1.43 7.73
C LYS A 214 -16.12 1.77 6.47
N ARG A 215 -16.53 1.14 5.38
CA ARG A 215 -16.01 1.48 4.06
C ARG A 215 -16.90 2.56 3.46
N VAL A 216 -16.37 3.78 3.37
CA VAL A 216 -17.14 4.92 2.87
C VAL A 216 -17.49 4.73 1.41
N THR A 217 -16.49 4.45 0.59
CA THR A 217 -16.65 4.28 -0.85
C THR A 217 -15.35 3.71 -1.38
N GLY A 218 -15.21 3.72 -2.70
CA GLY A 218 -13.96 3.33 -3.33
C GLY A 218 -13.90 4.01 -4.67
N THR A 219 -12.77 3.89 -5.33
CA THR A 219 -12.65 4.33 -6.72
C THR A 219 -11.91 3.25 -7.48
N SER A 220 -12.24 3.11 -8.75
CA SER A 220 -11.53 2.10 -9.54
CA SER A 220 -11.60 2.14 -9.64
C SER A 220 -10.27 2.65 -10.18
N LEU A 221 -9.92 3.91 -9.95
CA LEU A 221 -8.71 4.48 -10.52
C LEU A 221 -7.61 4.37 -9.46
N GLY A 222 -6.90 3.25 -9.47
CA GLY A 222 -5.90 2.98 -8.45
C GLY A 222 -4.58 2.55 -9.05
N GLY A 223 -3.86 1.73 -8.27
CA GLY A 223 -2.53 1.33 -8.69
C GLY A 223 -2.53 0.48 -9.96
N GLY A 224 -3.59 -0.31 -10.16
CA GLY A 224 -3.69 -1.11 -11.37
C GLY A 224 -3.96 -0.27 -12.59
N THR A 225 -4.68 0.83 -12.41
CA THR A 225 -4.87 1.78 -13.50
C THR A 225 -3.56 2.45 -13.89
N PHE A 226 -2.79 2.90 -12.88
CA PHE A 226 -1.48 3.43 -13.18
C PHE A 226 -0.64 2.43 -13.96
N LEU A 227 -0.52 1.21 -13.45
CA LEU A 227 0.37 0.23 -14.07
C LEU A 227 -0.15 -0.23 -15.42
N GLY A 228 -1.47 -0.45 -15.53
CA GLY A 228 -2.04 -0.94 -16.78
C GLY A 228 -2.00 0.11 -17.87
N LEU A 229 -2.41 1.35 -17.57
CA LEU A 229 -2.32 2.41 -18.56
C LEU A 229 -0.88 2.73 -18.94
N CYS A 230 0.01 2.79 -17.95
CA CYS A 230 1.41 3.02 -18.25
C CYS A 230 1.95 1.96 -19.20
N SER A 231 1.65 0.70 -18.93
CA SER A 231 2.13 -0.36 -19.81
C SER A 231 1.57 -0.23 -21.23
N LEU A 232 0.29 0.11 -21.36
CA LEU A 232 -0.28 0.31 -22.69
C LEU A 232 0.37 1.47 -23.42
N LEU A 233 0.63 2.57 -22.71
CA LEU A 233 1.06 3.80 -23.33
C LEU A 233 2.56 3.86 -23.57
N THR A 234 3.36 3.15 -22.76
CA THR A 234 4.81 3.28 -22.80
C THR A 234 5.54 1.97 -23.06
N GLY A 235 4.86 0.84 -22.94
CA GLY A 235 5.55 -0.43 -23.04
C GLY A 235 6.41 -0.79 -21.85
N CYS A 236 6.29 -0.09 -20.73
CA CYS A 236 7.05 -0.46 -19.55
C CYS A 236 6.68 -1.88 -19.12
N GLU A 237 7.64 -2.55 -18.49
CA GLU A 237 7.49 -3.96 -18.14
C GLU A 237 7.35 -4.20 -16.64
N SER A 238 7.40 -3.14 -15.83
CA SER A 238 7.26 -3.33 -14.39
C SER A 238 6.82 -2.02 -13.76
N PHE A 239 6.30 -2.15 -12.54
CA PHE A 239 5.96 -0.98 -11.73
C PHE A 239 7.17 -0.07 -11.57
N GLU A 240 8.33 -0.66 -11.27
CA GLU A 240 9.51 0.16 -11.02
C GLU A 240 9.95 0.90 -12.27
N GLU A 241 9.84 0.25 -13.44
CA GLU A 241 10.16 0.92 -14.69
C GLU A 241 9.20 2.06 -14.98
N ALA A 242 7.91 1.85 -14.68
CA ALA A 242 6.93 2.92 -14.86
C ALA A 242 7.28 4.14 -14.03
N LEU A 243 7.65 3.93 -12.77
CA LEU A 243 8.06 5.03 -11.91
C LEU A 243 9.34 5.70 -12.42
N GLU A 244 10.29 4.91 -12.89
CA GLU A 244 11.52 5.47 -13.46
C GLU A 244 11.20 6.40 -14.63
N MET A 245 10.37 5.93 -15.57
CA MET A 245 9.95 6.77 -16.69
C MET A 245 9.25 8.04 -16.20
N ALA A 246 8.32 7.88 -15.24
CA ALA A 246 7.57 9.03 -14.74
C ALA A 246 8.49 10.07 -14.11
N SER A 247 9.57 9.63 -13.45
CA SER A 247 10.48 10.58 -12.81
C SER A 247 11.18 11.47 -13.82
N LYS A 248 11.27 11.03 -15.07
CA LYS A 248 11.94 11.80 -16.10
C LYS A 248 10.98 12.63 -16.94
N GLY A 249 9.67 12.43 -16.78
CA GLY A 249 8.72 13.04 -17.69
C GLY A 249 8.14 14.35 -17.19
N ASP A 250 7.42 14.99 -18.09
CA ASP A 250 6.74 16.27 -17.85
C ASP A 250 5.27 16.06 -18.21
N SER A 251 4.44 15.95 -17.18
CA SER A 251 3.04 15.63 -17.43
C SER A 251 2.32 16.74 -18.18
N THR A 252 2.85 17.97 -18.15
CA THR A 252 2.14 19.07 -18.80
C THR A 252 2.22 19.00 -20.31
N GLN A 253 3.07 18.11 -20.86
CA GLN A 253 3.08 17.85 -22.29
C GLN A 253 1.82 17.11 -22.73
N ALA A 254 1.22 16.34 -21.81
CA ALA A 254 0.01 15.58 -22.11
C ALA A 254 -1.25 16.22 -21.58
N ASP A 255 -1.17 16.85 -20.41
CA ASP A 255 -2.31 17.45 -19.73
C ASP A 255 -2.58 18.84 -20.27
N LYS A 256 -3.86 19.20 -20.31
CA LYS A 256 -4.30 20.56 -20.58
C LYS A 256 -4.49 21.25 -19.23
N LEU A 257 -3.79 22.36 -19.02
CA LEU A 257 -3.84 23.08 -17.77
C LEU A 257 -4.84 24.23 -17.83
N VAL A 258 -5.17 24.76 -16.65
CA VAL A 258 -6.05 25.91 -16.58
C VAL A 258 -5.50 27.06 -17.42
N ARG A 259 -4.20 27.27 -17.36
CA ARG A 259 -3.61 28.35 -18.17
C ARG A 259 -3.69 28.08 -19.66
N ASP A 260 -3.85 26.82 -20.09
CA ASP A 260 -4.03 26.54 -21.51
C ASP A 260 -5.41 26.97 -22.00
N ILE A 261 -6.37 27.08 -21.09
CA ILE A 261 -7.75 27.41 -21.45
C ILE A 261 -8.05 28.87 -21.23
N TYR A 262 -7.53 29.44 -20.13
CA TYR A 262 -7.77 30.82 -19.73
C TYR A 262 -6.64 31.76 -20.11
N GLY A 263 -5.46 31.23 -20.43
CA GLY A 263 -4.27 32.05 -20.54
C GLY A 263 -3.61 32.42 -19.22
N GLY A 264 -4.16 31.98 -18.10
CA GLY A 264 -3.62 32.34 -16.79
C GLY A 264 -4.45 31.65 -15.73
N ASP A 265 -4.45 32.22 -14.53
CA ASP A 265 -5.35 31.71 -13.48
C ASP A 265 -6.81 31.93 -13.87
N TYR A 266 -7.69 31.08 -13.33
CA TYR A 266 -9.14 31.34 -13.35
C TYR A 266 -9.42 31.93 -11.98
N GLU A 267 -9.36 33.27 -11.92
CA GLU A 267 -9.32 33.97 -10.63
C GLU A 267 -10.61 33.81 -9.86
N ARG A 268 -11.75 33.88 -10.55
CA ARG A 268 -13.06 33.87 -9.90
C ARG A 268 -13.22 32.69 -8.94
N PHE A 269 -12.67 31.54 -9.29
CA PHE A 269 -12.83 30.35 -8.46
C PHE A 269 -11.52 29.86 -7.87
N GLY A 270 -10.51 30.73 -7.82
CA GLY A 270 -9.25 30.39 -7.17
C GLY A 270 -8.55 29.20 -7.78
N LEU A 271 -8.63 29.05 -9.10
CA LEU A 271 -7.94 27.97 -9.77
C LEU A 271 -6.61 28.49 -10.32
N PRO A 272 -5.48 27.98 -9.86
CA PRO A 272 -4.19 28.43 -10.40
C PRO A 272 -4.00 27.95 -11.83
N GLY A 273 -3.22 28.71 -12.61
CA GLY A 273 -2.98 28.34 -14.00
C GLY A 273 -2.32 26.99 -14.15
N TRP A 274 -1.58 26.54 -13.15
CA TRP A 274 -0.88 25.27 -13.21
C TRP A 274 -1.77 24.08 -12.91
N ALA A 275 -2.98 24.31 -12.40
CA ALA A 275 -3.86 23.20 -12.11
C ALA A 275 -4.24 22.46 -13.39
N VAL A 276 -4.39 21.14 -13.31
CA VAL A 276 -4.79 20.37 -14.47
C VAL A 276 -6.28 20.54 -14.70
N ALA A 277 -6.65 21.06 -15.86
CA ALA A 277 -8.06 21.16 -16.23
C ALA A 277 -8.55 19.88 -16.88
N SER A 278 -7.73 19.25 -17.72
CA SER A 278 -8.14 18.05 -18.42
C SER A 278 -6.94 17.12 -18.50
N SER A 279 -6.98 16.03 -17.75
CA SER A 279 -5.94 15.01 -17.84
C SER A 279 -5.87 14.43 -19.25
N PHE A 280 -4.66 14.33 -19.80
CA PHE A 280 -4.42 13.91 -21.17
C PHE A 280 -5.12 14.80 -22.21
N GLY A 281 -5.60 15.98 -21.80
CA GLY A 281 -6.44 16.79 -22.67
C GLY A 281 -5.69 17.38 -23.85
N ASN A 282 -4.38 17.53 -23.74
CA ASN A 282 -3.64 17.98 -24.92
C ASN A 282 -3.41 16.86 -25.92
N MET A 283 -3.75 15.63 -25.59
CA MET A 283 -3.61 14.51 -26.53
C MET A 283 -4.76 14.40 -27.51
N ILE A 284 -5.70 15.36 -27.50
CA ILE A 284 -6.69 15.41 -28.57
C ILE A 284 -6.10 15.97 -29.85
N TYR A 285 -4.90 16.53 -29.78
CA TYR A 285 -4.24 17.14 -30.95
C TYR A 285 -3.21 16.17 -31.50
N LYS A 286 -3.37 15.80 -32.78
CA LYS A 286 -2.50 14.78 -33.36
C LYS A 286 -1.03 15.17 -33.28
N GLU A 287 -0.72 16.46 -33.51
CA GLU A 287 0.67 16.87 -33.49
C GLU A 287 1.26 16.76 -32.09
N LYS A 288 0.44 16.95 -31.05
CA LYS A 288 0.97 16.79 -29.70
C LYS A 288 1.16 15.31 -29.34
N ARG A 289 0.27 14.44 -29.83
CA ARG A 289 0.47 13.00 -29.66
C ARG A 289 1.77 12.55 -30.30
N GLU A 290 2.14 13.19 -31.40
CA GLU A 290 3.35 12.78 -32.11
C GLU A 290 4.63 13.30 -31.46
N SER A 291 4.56 14.32 -30.60
CA SER A 291 5.76 14.85 -29.96
C SER A 291 5.93 14.40 -28.51
N VAL A 292 4.88 13.85 -27.90
CA VAL A 292 4.95 13.49 -26.48
C VAL A 292 5.86 12.28 -26.31
N SER A 293 6.64 12.29 -25.23
CA SER A 293 7.51 11.14 -24.95
C SER A 293 6.81 10.12 -24.05
N LYS A 294 7.35 8.89 -24.06
CA LYS A 294 6.89 7.86 -23.14
C LYS A 294 7.00 8.34 -21.70
N GLU A 295 8.09 9.03 -21.37
CA GLU A 295 8.27 9.51 -20.00
C GLU A 295 7.19 10.52 -19.63
N ASP A 296 6.87 11.44 -20.54
CA ASP A 296 5.77 12.38 -20.31
C ASP A 296 4.47 11.63 -20.03
N LEU A 297 4.17 10.61 -20.83
CA LEU A 297 2.92 9.88 -20.66
C LEU A 297 2.92 9.12 -19.33
N ALA A 298 4.06 8.54 -18.95
CA ALA A 298 4.13 7.88 -17.65
C ALA A 298 3.87 8.87 -16.52
N ARG A 299 4.47 10.06 -16.59
CA ARG A 299 4.26 11.04 -15.53
C ARG A 299 2.83 11.54 -15.54
N ALA A 300 2.24 11.74 -16.72
CA ALA A 300 0.84 12.15 -16.76
C ALA A 300 -0.08 11.07 -16.20
N THR A 301 0.23 9.79 -16.45
CA THR A 301 -0.58 8.74 -15.86
C THR A 301 -0.46 8.78 -14.34
N LEU A 302 0.76 8.95 -13.83
CA LEU A 302 0.94 8.98 -12.38
C LEU A 302 0.21 10.17 -11.75
N VAL A 303 0.33 11.36 -12.35
CA VAL A 303 -0.29 12.56 -11.83
C VAL A 303 -1.81 12.46 -11.88
N THR A 304 -2.36 11.95 -12.98
CA THR A 304 -3.80 11.78 -13.11
C THR A 304 -4.36 10.90 -12.00
N ILE A 305 -3.74 9.74 -11.81
CA ILE A 305 -4.24 8.80 -10.81
C ILE A 305 -4.05 9.36 -9.40
N THR A 306 -2.88 9.95 -9.13
CA THR A 306 -2.60 10.44 -7.79
C THR A 306 -3.51 11.60 -7.41
N ASN A 307 -3.71 12.55 -8.33
CA ASN A 307 -4.61 13.66 -8.04
C ASN A 307 -6.04 13.19 -7.85
N ASN A 308 -6.50 12.20 -8.62
CA ASN A 308 -7.88 11.73 -8.44
C ASN A 308 -8.06 11.08 -7.07
N ILE A 309 -7.07 10.28 -6.65
CA ILE A 309 -7.11 9.67 -5.32
C ILE A 309 -7.14 10.73 -4.25
N GLY A 310 -6.30 11.77 -4.39
CA GLY A 310 -6.32 12.84 -3.41
C GLY A 310 -7.65 13.56 -3.36
N SER A 311 -8.22 13.87 -4.53
CA SER A 311 -9.47 14.59 -4.57
C SER A 311 -10.62 13.78 -3.96
N VAL A 312 -10.70 12.48 -4.29
CA VAL A 312 -11.72 11.62 -3.68
C VAL A 312 -11.50 11.53 -2.17
N ALA A 313 -10.26 11.40 -1.72
CA ALA A 313 -9.99 11.38 -0.28
C ALA A 313 -10.44 12.66 0.37
N ARG A 314 -10.18 13.80 -0.29
CA ARG A 314 -10.57 15.10 0.24
C ARG A 314 -12.08 15.17 0.40
N MET A 315 -12.82 14.78 -0.64
CA MET A 315 -14.28 14.82 -0.58
C MET A 315 -14.80 13.91 0.51
N CYS A 316 -14.20 12.73 0.69
CA CYS A 316 -14.67 11.81 1.73
C CYS A 316 -14.33 12.34 3.12
N ALA A 317 -13.14 12.91 3.30
CA ALA A 317 -12.77 13.49 4.59
C ALA A 317 -13.72 14.62 4.96
N VAL A 318 -14.09 15.47 4.01
CA VAL A 318 -15.01 16.56 4.32
C VAL A 318 -16.37 15.99 4.70
N ASN A 319 -16.85 14.97 3.98
CA ASN A 319 -18.15 14.41 4.31
C ASN A 319 -18.15 13.68 5.64
N GLU A 320 -17.06 12.97 5.96
CA GLU A 320 -16.98 12.22 7.21
C GLU A 320 -16.54 13.09 8.39
N LYS A 321 -16.20 14.36 8.16
CA LYS A 321 -15.74 15.25 9.23
C LYS A 321 -14.48 14.69 9.90
N ILE A 322 -13.53 14.26 9.07
CA ILE A 322 -12.26 13.70 9.52
C ILE A 322 -11.16 14.51 8.87
N ASN A 323 -10.15 14.92 9.65
CA ASN A 323 -9.12 15.77 9.09
C ASN A 323 -7.75 15.10 8.98
N ARG A 324 -7.61 13.85 9.42
CA ARG A 324 -6.37 13.08 9.26
C ARG A 324 -6.63 11.98 8.22
N VAL A 325 -5.83 11.96 7.16
CA VAL A 325 -6.02 11.05 6.03
C VAL A 325 -4.74 10.26 5.86
N VAL A 326 -4.79 8.96 6.12
N VAL A 326 -4.80 8.96 6.11
CA VAL A 326 -3.60 8.13 6.01
CA VAL A 326 -3.64 8.08 6.01
C VAL A 326 -3.72 7.26 4.77
C VAL A 326 -3.74 7.28 4.73
N PHE A 327 -2.67 7.25 3.96
CA PHE A 327 -2.64 6.53 2.69
C PHE A 327 -1.81 5.27 2.87
N VAL A 328 -2.36 4.13 2.46
CA VAL A 328 -1.66 2.84 2.55
C VAL A 328 -1.79 2.11 1.21
N GLY A 329 -1.24 0.90 1.14
CA GLY A 329 -1.28 0.10 -0.07
C GLY A 329 0.00 0.25 -0.89
N ASN A 330 0.22 -0.70 -1.80
CA ASN A 330 1.53 -0.71 -2.43
C ASN A 330 1.67 0.18 -3.65
N PHE A 331 0.62 0.90 -4.07
CA PHE A 331 0.84 1.94 -5.07
C PHE A 331 1.91 2.92 -4.61
N LEU A 332 2.03 3.13 -3.31
CA LEU A 332 2.99 4.11 -2.83
C LEU A 332 4.36 3.51 -2.46
N ARG A 333 4.54 2.20 -2.56
CA ARG A 333 5.87 1.68 -2.26
C ARG A 333 6.88 2.19 -3.29
N VAL A 334 8.09 2.52 -2.78
CA VAL A 334 9.17 3.21 -3.49
C VAL A 334 8.65 4.29 -4.43
N ASN A 335 7.61 5.03 -4.00
CA ASN A 335 6.90 6.00 -4.86
C ASN A 335 6.82 7.34 -4.14
N THR A 336 7.98 7.97 -3.96
CA THR A 336 7.98 9.26 -3.27
CA THR A 336 8.03 9.27 -3.30
C THR A 336 7.30 10.33 -4.11
N LEU A 337 7.35 10.21 -5.44
CA LEU A 337 6.64 11.17 -6.30
C LEU A 337 5.17 11.27 -5.91
N SER A 338 4.47 10.13 -5.89
CA SER A 338 3.05 10.16 -5.54
C SER A 338 2.83 10.58 -4.11
N MET A 339 3.69 10.17 -3.18
CA MET A 339 3.50 10.58 -1.79
C MET A 339 3.62 12.09 -1.65
N LYS A 340 4.64 12.67 -2.27
CA LYS A 340 4.82 14.12 -2.19
C LYS A 340 3.71 14.86 -2.92
N LEU A 341 3.24 14.32 -4.06
CA LEU A 341 2.10 14.93 -4.74
C LEU A 341 0.84 14.89 -3.87
N LEU A 342 0.58 13.75 -3.20
CA LEU A 342 -0.56 13.69 -2.29
C LEU A 342 -0.41 14.67 -1.13
N ALA A 343 0.79 14.75 -0.55
CA ALA A 343 0.99 15.65 0.59
C ALA A 343 0.75 17.10 0.17
N TYR A 344 1.30 17.49 -0.96
CA TYR A 344 1.10 18.84 -1.46
C TYR A 344 -0.35 19.09 -1.82
N ALA A 345 -0.92 18.20 -2.64
CA ALA A 345 -2.28 18.44 -3.15
C ALA A 345 -3.31 18.46 -2.04
N LEU A 346 -3.23 17.51 -1.10
CA LEU A 346 -4.24 17.48 -0.05
C LEU A 346 -4.18 18.76 0.77
N ASP A 347 -2.97 19.23 1.06
CA ASP A 347 -2.79 20.46 1.82
C ASP A 347 -3.26 21.67 1.02
N TYR A 348 -2.83 21.76 -0.24
CA TYR A 348 -3.20 22.91 -1.06
C TYR A 348 -4.70 23.00 -1.26
N TRP A 349 -5.31 21.93 -1.77
CA TRP A 349 -6.71 22.00 -2.15
C TRP A 349 -7.66 22.00 -0.96
N SER A 350 -7.20 21.57 0.21
CA SER A 350 -8.02 21.70 1.41
C SER A 350 -7.74 22.98 2.19
N LYS A 351 -6.91 23.87 1.65
CA LYS A 351 -6.51 25.10 2.34
C LYS A 351 -5.93 24.79 3.71
N GLY A 352 -5.20 23.70 3.82
CA GLY A 352 -4.53 23.32 5.05
C GLY A 352 -5.40 22.66 6.09
N GLN A 353 -6.64 22.31 5.76
CA GLN A 353 -7.54 21.68 6.71
C GLN A 353 -7.32 20.18 6.82
N LEU A 354 -6.75 19.56 5.80
CA LEU A 354 -6.48 18.13 5.80
C LEU A 354 -4.99 17.88 5.81
N LYS A 355 -4.58 16.79 6.46
CA LYS A 355 -3.19 16.41 6.54
C LYS A 355 -3.02 15.01 5.97
N ALA A 356 -2.09 14.87 5.03
CA ALA A 356 -1.75 13.57 4.44
C ALA A 356 -0.74 12.85 5.33
N LEU A 357 -1.09 11.63 5.73
CA LEU A 357 -0.24 10.80 6.57
C LEU A 357 0.14 9.52 5.82
N PHE A 358 1.29 8.97 6.18
CA PHE A 358 1.83 7.79 5.52
C PHE A 358 2.37 6.84 6.58
N LEU A 359 2.50 5.57 6.23
CA LEU A 359 2.89 4.54 7.19
C LEU A 359 4.03 3.71 6.62
N GLU A 360 5.04 3.41 7.46
CA GLU A 360 6.20 2.71 6.91
C GLU A 360 5.86 1.31 6.40
N HIS A 361 4.86 0.66 6.99
CA HIS A 361 4.49 -0.71 6.64
C HIS A 361 3.22 -0.75 5.80
N GLU A 362 3.11 0.21 4.87
CA GLU A 362 1.80 0.53 4.29
C GLU A 362 1.18 -0.60 3.48
N GLY A 363 1.97 -1.50 2.92
CA GLY A 363 1.31 -2.54 2.14
C GLY A 363 0.96 -3.79 2.91
N TYR A 364 1.36 -3.90 4.17
CA TYR A 364 1.35 -5.16 4.89
C TYR A 364 0.32 -5.24 6.01
N PHE A 365 -0.55 -4.24 6.19
CA PHE A 365 -1.38 -4.24 7.37
C PHE A 365 -2.41 -5.36 7.34
N GLY A 366 -2.94 -5.69 6.16
CA GLY A 366 -3.87 -6.80 6.09
C GLY A 366 -3.23 -8.12 6.50
N ALA A 367 -2.01 -8.37 6.01
CA ALA A 367 -1.28 -9.58 6.39
C ALA A 367 -1.03 -9.65 7.89
N VAL A 368 -0.68 -8.53 8.51
CA VAL A 368 -0.47 -8.50 9.96
C VAL A 368 -1.78 -8.75 10.68
N GLY A 369 -2.85 -8.05 10.27
CA GLY A 369 -4.14 -8.26 10.90
C GLY A 369 -4.60 -9.71 10.81
N ALA A 370 -4.30 -10.37 9.69
CA ALA A 370 -4.66 -11.79 9.57
C ALA A 370 -3.87 -12.63 10.56
N LEU A 371 -2.57 -12.37 10.70
CA LEU A 371 -1.76 -13.08 11.68
C LEU A 371 -2.32 -12.89 13.09
N LEU A 372 -2.81 -11.68 13.39
CA LEU A 372 -3.31 -11.41 14.72
C LEU A 372 -4.61 -12.16 15.01
N GLY A 373 -5.26 -12.70 13.99
CA GLY A 373 -6.45 -13.52 14.21
C GLY A 373 -6.15 -14.93 14.64
N LEU A 374 -4.89 -15.35 14.62
CA LEU A 374 -4.54 -16.73 14.96
C LEU A 374 -5.09 -17.20 16.30
N PRO A 375 -5.04 -16.42 17.39
CA PRO A 375 -5.56 -16.93 18.68
C PRO A 375 -7.04 -17.30 18.66
N ASN A 376 -7.82 -16.78 17.72
CA ASN A 376 -9.23 -17.14 17.65
C ASN A 376 -9.46 -18.54 17.10
N PHE A 377 -8.42 -19.24 16.68
CA PHE A 377 -8.56 -20.56 16.10
C PHE A 377 -7.63 -21.56 16.78
#